data_9LNZ
#
_entry.id   9LNZ
#
_cell.length_a   43.790
_cell.length_b   67.831
_cell.length_c   134.808
_cell.angle_alpha   90.00
_cell.angle_beta   90.00
_cell.angle_gamma   90.00
#
_symmetry.space_group_name_H-M   'P 21 21 21'
#
loop_
_entity.id
_entity.type
_entity.pdbx_description
1 polymer 'Butyrophylin 3'
2 non-polymer 'SULFATE ION'
3 non-polymer 1,2-ETHANEDIOL
4 non-polymer '(2E)-3-(hydroxymethyl)-4-(4-methylphenyl)but-2-en-1-yl trihydrogen diphosphate'
5 water water
#
_entity_poly.entity_id   1
_entity_poly.type   'polypeptide(L)'
_entity_poly.pdbx_seq_one_letter_code
;GAGAGARGEKSQAYAEWKKALFQPADVILDPNTANPILLVSDDQRSLQRADERQNLPDNPERFDWHYCVLGCKSFTSGRH
YWEVEVGDRKEWHIGVCQENVERKCWVKMTPENGFWTVGLTDGSKYRALSDPRTKLTVANPPQRVGVFLDYETGEVSFYN
AMDGSHIYTFPHTFFSGPLWPVFRILTLEPTALTICPALTGEGSSIVPDLVPDLSLENTVAVGPADENGEPQAEVTSLLV
PA
;
_entity_poly.pdbx_strand_id   A,B
#
loop_
_chem_comp.id
_chem_comp.type
_chem_comp.name
_chem_comp.formula
99C non-polymer '(2E)-3-(hydroxymethyl)-4-(4-methylphenyl)but-2-en-1-yl trihydrogen diphosphate' 'C12 H18 O8 P2'
EDO non-polymer 1,2-ETHANEDIOL 'C2 H6 O2'
SO4 non-polymer 'SULFATE ION' 'O4 S -2'
#
# COMPACT_ATOMS: atom_id res chain seq x y z
N GLY A 8 7.58 -9.28 -15.75
CA GLY A 8 6.81 -9.55 -17.02
C GLY A 8 5.35 -9.78 -16.69
N GLU A 9 5.07 -10.84 -15.92
CA GLU A 9 3.70 -11.06 -15.36
C GLU A 9 3.32 -9.91 -14.43
N LYS A 10 4.23 -9.44 -13.58
CA LYS A 10 3.99 -8.36 -12.58
C LYS A 10 3.73 -7.04 -13.32
N SER A 11 4.49 -6.75 -14.39
CA SER A 11 4.18 -5.62 -15.30
C SER A 11 2.80 -5.80 -15.92
N GLN A 12 2.48 -7.01 -16.36
CA GLN A 12 1.20 -7.24 -17.06
C GLN A 12 0.06 -7.07 -16.05
N ALA A 13 0.19 -7.63 -14.84
CA ALA A 13 -0.86 -7.49 -13.79
C ALA A 13 -1.04 -6.01 -13.45
N TYR A 14 0.06 -5.26 -13.41
CA TYR A 14 0.05 -3.81 -13.09
C TYR A 14 -0.74 -3.09 -14.17
N ALA A 15 -0.40 -3.33 -15.44
CA ALA A 15 -1.16 -2.77 -16.58
C ALA A 15 -2.65 -3.12 -16.48
N GLU A 16 -3.01 -4.37 -16.20
CA GLU A 16 -4.44 -4.76 -16.20
C GLU A 16 -5.18 -4.15 -15.00
N TRP A 17 -4.49 -3.98 -13.89
CA TRP A 17 -5.14 -3.41 -12.70
C TRP A 17 -5.48 -1.94 -13.00
N LYS A 18 -4.55 -1.21 -13.62
CA LYS A 18 -4.74 0.22 -13.98
C LYS A 18 -5.99 0.32 -14.85
N LYS A 19 -6.12 -0.53 -15.87
CA LYS A 19 -7.32 -0.62 -16.79
C LYS A 19 -8.61 -1.02 -16.10
N ALA A 20 -8.63 -2.03 -15.25
CA ALA A 20 -9.84 -2.44 -14.51
C ALA A 20 -10.40 -1.24 -13.73
N LEU A 21 -9.53 -0.37 -13.21
CA LEU A 21 -9.98 0.48 -12.08
C LEU A 21 -9.75 1.98 -12.28
N PHE A 22 -8.67 2.43 -12.92
CA PHE A 22 -8.25 3.86 -12.86
C PHE A 22 -8.31 4.48 -14.25
N GLN A 23 -8.89 5.67 -14.38
CA GLN A 23 -8.89 6.45 -15.64
C GLN A 23 -7.51 7.06 -15.84
N PRO A 24 -6.84 6.86 -16.99
CA PRO A 24 -5.51 7.43 -17.22
C PRO A 24 -5.63 8.96 -17.36
N ALA A 25 -5.03 9.73 -16.47
CA ALA A 25 -5.09 11.19 -16.56
C ALA A 25 -3.99 11.64 -17.52
N ASP A 26 -4.32 12.63 -18.35
CA ASP A 26 -3.36 13.29 -19.25
C ASP A 26 -2.98 14.58 -18.56
N VAL A 27 -1.88 14.56 -17.84
CA VAL A 27 -1.53 15.66 -16.91
C VAL A 27 -0.47 16.52 -17.60
N ILE A 28 -0.74 17.82 -17.64
CA ILE A 28 0.22 18.85 -18.06
C ILE A 28 0.35 19.86 -16.92
N LEU A 29 1.54 20.40 -16.79
CA LEU A 29 1.91 21.39 -15.74
C LEU A 29 1.39 22.77 -16.12
N ASP A 30 0.81 23.46 -15.14
CA ASP A 30 0.34 24.84 -15.28
C ASP A 30 1.46 25.78 -14.85
N PRO A 31 2.18 26.40 -15.82
CA PRO A 31 3.25 27.31 -15.46
C PRO A 31 2.79 28.47 -14.58
N ASN A 32 1.51 28.86 -14.62
CA ASN A 32 1.00 30.00 -13.82
C ASN A 32 1.00 29.66 -12.33
N THR A 33 1.01 28.37 -11.99
CA THR A 33 1.08 27.93 -10.58
C THR A 33 2.53 27.76 -10.11
N ALA A 34 3.49 27.61 -11.02
CA ALA A 34 4.88 27.18 -10.68
C ALA A 34 5.59 28.26 -9.87
N ASN A 35 6.15 27.88 -8.75
CA ASN A 35 7.13 28.72 -8.00
C ASN A 35 8.09 29.39 -9.01
N PRO A 36 8.43 30.66 -8.80
CA PRO A 36 9.33 31.41 -9.70
C PRO A 36 10.74 30.83 -9.94
N ILE A 37 11.18 29.88 -9.11
CA ILE A 37 12.46 29.14 -9.35
C ILE A 37 12.27 27.93 -10.27
N LEU A 38 11.04 27.58 -10.60
CA LEU A 38 10.80 26.39 -11.46
C LEU A 38 10.70 26.83 -12.92
N LEU A 39 11.11 25.94 -13.81
CA LEU A 39 10.90 26.03 -15.26
C LEU A 39 9.98 24.87 -15.67
N VAL A 40 8.90 25.23 -16.31
CA VAL A 40 7.97 24.26 -16.93
C VAL A 40 8.35 24.22 -18.41
N SER A 41 8.56 23.04 -18.95
CA SER A 41 8.91 22.84 -20.38
C SER A 41 7.81 23.40 -21.28
N ASP A 42 8.17 23.74 -22.52
CA ASP A 42 7.20 24.30 -23.48
C ASP A 42 6.10 23.26 -23.76
N ASP A 43 6.37 21.96 -23.71
CA ASP A 43 5.28 20.98 -23.90
C ASP A 43 4.52 20.73 -22.58
N GLN A 44 4.91 21.37 -21.47
CA GLN A 44 4.23 21.31 -20.17
C GLN A 44 4.25 19.90 -19.55
N ARG A 45 5.19 19.03 -19.93
CA ARG A 45 5.30 17.69 -19.33
C ARG A 45 6.49 17.65 -18.37
N SER A 46 7.44 18.58 -18.49
CA SER A 46 8.72 18.43 -17.74
C SER A 46 8.96 19.65 -16.84
N LEU A 47 9.74 19.41 -15.81
CA LEU A 47 10.01 20.41 -14.77
C LEU A 47 11.51 20.45 -14.47
N GLN A 48 12.07 21.65 -14.37
CA GLN A 48 13.46 21.83 -13.92
C GLN A 48 13.50 22.96 -12.92
N ARG A 49 14.69 23.21 -12.38
CA ARG A 49 14.89 24.27 -11.39
C ARG A 49 15.91 25.26 -11.94
N ALA A 50 15.68 26.53 -11.65
CA ALA A 50 16.60 27.63 -12.00
C ALA A 50 17.62 27.80 -10.89
N ASP A 51 18.69 28.52 -11.20
CA ASP A 51 19.76 28.85 -10.22
C ASP A 51 19.17 29.82 -9.18
N GLU A 52 18.19 30.64 -9.55
CA GLU A 52 17.59 31.63 -8.65
C GLU A 52 16.18 31.93 -9.14
N ARG A 53 15.36 32.58 -8.32
CA ARG A 53 13.97 33.00 -8.69
C ARG A 53 14.04 33.85 -9.95
N GLN A 54 13.18 33.56 -10.89
CA GLN A 54 13.06 34.36 -12.12
C GLN A 54 11.96 35.38 -11.82
N ASN A 55 11.86 36.40 -12.65
CA ASN A 55 10.89 37.47 -12.43
C ASN A 55 9.55 37.04 -13.06
N LEU A 56 8.57 36.71 -12.24
CA LEU A 56 7.22 36.27 -12.70
C LEU A 56 6.19 37.07 -11.92
N PRO A 57 5.00 37.27 -12.48
CA PRO A 57 3.89 37.88 -11.74
C PRO A 57 3.61 37.02 -10.51
N ASP A 58 3.28 37.61 -9.36
CA ASP A 58 2.91 36.82 -8.18
C ASP A 58 1.38 36.65 -8.19
N ASN A 59 0.84 36.13 -9.27
CA ASN A 59 -0.62 35.85 -9.34
C ASN A 59 -1.03 34.87 -8.23
N PRO A 60 -2.31 34.93 -7.82
CA PRO A 60 -2.74 34.29 -6.58
C PRO A 60 -2.46 32.78 -6.55
N GLU A 61 -2.52 32.10 -7.68
CA GLU A 61 -2.47 30.61 -7.73
C GLU A 61 -1.01 30.16 -7.69
N ARG A 62 -0.06 31.08 -7.86
CA ARG A 62 1.35 30.64 -7.90
C ARG A 62 1.85 30.29 -6.49
N PHE A 63 2.57 29.18 -6.35
CA PHE A 63 3.32 28.85 -5.12
C PHE A 63 4.53 29.77 -4.98
N ASP A 64 4.53 30.65 -3.97
CA ASP A 64 5.60 31.67 -3.81
C ASP A 64 6.72 31.08 -2.95
N TRP A 65 6.41 30.21 -1.99
CA TRP A 65 7.44 29.67 -1.07
C TRP A 65 7.88 28.27 -1.53
N HIS A 66 6.97 27.30 -1.53
CA HIS A 66 7.28 25.91 -1.87
C HIS A 66 7.61 25.81 -3.38
N TYR A 67 8.58 24.98 -3.70
CA TYR A 67 9.05 24.78 -5.09
C TYR A 67 8.06 23.84 -5.77
N CYS A 68 6.78 24.23 -5.83
CA CYS A 68 5.63 23.41 -6.30
C CYS A 68 5.09 23.95 -7.63
N VAL A 69 4.47 23.06 -8.39
CA VAL A 69 3.64 23.40 -9.57
C VAL A 69 2.48 22.42 -9.57
N LEU A 70 1.35 22.82 -10.12
CA LEU A 70 0.13 21.97 -10.22
C LEU A 70 -0.06 21.55 -11.67
N GLY A 71 -0.83 20.48 -11.86
CA GLY A 71 -1.48 20.12 -13.13
C GLY A 71 -2.47 21.17 -13.60
N CYS A 72 -3.00 20.97 -14.82
CA CYS A 72 -3.94 21.92 -15.47
C CYS A 72 -5.39 21.52 -15.17
N LYS A 73 -5.62 20.36 -14.60
CA LYS A 73 -7.01 19.88 -14.36
C LYS A 73 -7.06 19.28 -12.97
N SER A 74 -8.20 19.44 -12.31
CA SER A 74 -8.42 18.91 -10.95
C SER A 74 -9.32 17.70 -11.02
N PHE A 75 -9.44 17.01 -9.90
CA PHE A 75 -10.29 15.82 -9.70
C PHE A 75 -11.19 16.08 -8.50
N THR A 76 -12.49 15.95 -8.71
CA THR A 76 -13.52 16.09 -7.65
C THR A 76 -14.18 14.73 -7.41
N SER A 77 -13.90 13.74 -8.25
CA SER A 77 -14.54 12.41 -8.16
C SER A 77 -13.73 11.40 -8.95
N GLY A 78 -13.88 10.14 -8.59
CA GLY A 78 -13.42 9.02 -9.43
C GLY A 78 -11.99 8.58 -9.13
N ARG A 79 -11.55 7.63 -9.94
CA ARG A 79 -10.29 6.90 -9.85
C ARG A 79 -9.44 7.33 -11.04
N HIS A 80 -8.25 7.84 -10.75
CA HIS A 80 -7.35 8.46 -11.76
C HIS A 80 -5.93 8.00 -11.48
N TYR A 81 -5.14 7.81 -12.52
CA TYR A 81 -3.69 7.60 -12.30
C TYR A 81 -2.93 8.38 -13.35
N TRP A 82 -1.70 8.69 -12.99
CA TRP A 82 -0.69 9.18 -13.94
C TRP A 82 0.65 8.65 -13.47
N GLU A 83 1.57 8.59 -14.41
CA GLU A 83 2.95 8.13 -14.17
C GLU A 83 3.94 9.25 -14.46
N VAL A 84 4.99 9.28 -13.66
CA VAL A 84 6.02 10.32 -13.67
C VAL A 84 7.36 9.62 -13.81
N GLU A 85 8.14 10.04 -14.80
CA GLU A 85 9.54 9.61 -14.94
C GLU A 85 10.41 10.48 -14.04
N VAL A 86 10.83 9.95 -12.90
CA VAL A 86 11.74 10.63 -11.92
C VAL A 86 13.19 10.31 -12.30
N GLY A 87 13.36 9.23 -13.08
CA GLY A 87 14.68 8.79 -13.54
C GLY A 87 15.65 8.72 -12.39
N ASP A 88 16.88 9.20 -12.57
CA ASP A 88 17.93 9.08 -11.54
C ASP A 88 18.01 10.37 -10.71
N ARG A 89 16.95 11.19 -10.68
CA ARG A 89 16.93 12.39 -9.81
C ARG A 89 17.26 11.96 -8.38
N LYS A 90 18.02 12.79 -7.69
CA LYS A 90 18.38 12.53 -6.27
C LYS A 90 17.29 13.01 -5.31
N GLU A 91 16.38 13.84 -5.81
CA GLU A 91 15.37 14.59 -5.01
C GLU A 91 14.12 14.89 -5.85
N TRP A 92 12.96 14.65 -5.27
CA TRP A 92 11.65 14.93 -5.89
C TRP A 92 10.55 14.57 -4.90
N HIS A 93 9.41 15.21 -5.06
CA HIS A 93 8.15 14.81 -4.38
C HIS A 93 7.01 15.01 -5.35
N ILE A 94 6.07 14.08 -5.36
CA ILE A 94 4.89 14.17 -6.26
C ILE A 94 3.68 13.65 -5.48
N GLY A 95 2.51 14.07 -5.91
CA GLY A 95 1.28 13.52 -5.37
C GLY A 95 0.13 14.41 -5.75
N VAL A 96 -0.79 14.63 -4.82
CA VAL A 96 -1.96 15.51 -5.03
C VAL A 96 -2.03 16.52 -3.89
N CYS A 97 -2.69 17.63 -4.14
CA CYS A 97 -3.05 18.58 -3.07
C CYS A 97 -4.41 19.20 -3.33
N GLN A 98 -5.05 19.63 -2.27
CA GLN A 98 -6.34 20.33 -2.35
C GLN A 98 -6.13 21.67 -3.04
N GLU A 99 -7.19 22.14 -3.67
CA GLU A 99 -7.26 23.49 -4.29
C GLU A 99 -6.99 24.58 -3.22
N ASN A 100 -7.37 24.33 -1.97
CA ASN A 100 -7.38 25.37 -0.92
C ASN A 100 -6.04 25.38 -0.18
N VAL A 101 -5.01 24.66 -0.60
CA VAL A 101 -3.71 24.72 0.11
C VAL A 101 -3.17 26.18 0.09
N GLU A 102 -2.43 26.53 1.13
CA GLU A 102 -1.68 27.80 1.24
C GLU A 102 -0.66 27.85 0.11
N ARG A 103 -0.69 28.91 -0.70
CA ARG A 103 0.27 29.09 -1.82
C ARG A 103 1.38 30.08 -1.47
N LYS A 104 1.21 30.97 -0.48
CA LYS A 104 2.15 32.11 -0.32
C LYS A 104 3.03 31.93 0.92
N CYS A 105 2.41 31.86 2.09
CA CYS A 105 3.13 31.57 3.35
C CYS A 105 3.54 30.10 3.35
N TRP A 106 4.58 29.76 4.11
CA TRP A 106 4.98 28.36 4.31
C TRP A 106 3.88 27.67 5.09
N VAL A 107 3.60 26.45 4.68
CA VAL A 107 2.89 25.47 5.55
C VAL A 107 3.68 24.17 5.41
N LYS A 108 3.58 23.32 6.40
CA LYS A 108 4.21 22.00 6.29
C LYS A 108 3.42 21.20 5.24
N MET A 109 4.11 20.54 4.31
CA MET A 109 3.42 19.73 3.27
C MET A 109 3.01 18.39 3.91
N THR A 110 1.82 18.38 4.48
CA THR A 110 1.22 17.22 5.17
C THR A 110 -0.23 17.11 4.74
N PRO A 111 -0.85 15.92 4.93
CA PRO A 111 -2.27 15.73 4.65
C PRO A 111 -3.15 16.72 5.43
N GLU A 112 -2.78 17.00 6.67
CA GLU A 112 -3.49 17.99 7.54
C GLU A 112 -3.56 19.36 6.84
N ASN A 113 -2.53 19.74 6.09
CA ASN A 113 -2.46 21.00 5.34
C ASN A 113 -2.91 20.83 3.88
N GLY A 114 -3.39 19.66 3.50
CA GLY A 114 -3.97 19.39 2.16
C GLY A 114 -3.00 18.88 1.11
N PHE A 115 -1.88 18.27 1.52
CA PHE A 115 -0.85 17.66 0.63
C PHE A 115 -0.68 16.18 0.93
N TRP A 116 -0.76 15.37 -0.14
CA TRP A 116 -0.49 13.91 -0.15
C TRP A 116 0.65 13.64 -1.14
N THR A 117 1.86 13.62 -0.63
CA THR A 117 3.07 13.47 -1.50
C THR A 117 4.04 12.48 -0.90
N VAL A 118 4.81 11.85 -1.79
CA VAL A 118 5.94 11.00 -1.38
C VAL A 118 7.12 11.41 -2.25
N GLY A 119 8.31 11.01 -1.83
CA GLY A 119 9.47 11.31 -2.66
C GLY A 119 10.75 10.87 -2.06
N LEU A 120 11.80 11.54 -2.53
CA LEU A 120 13.20 11.13 -2.36
C LEU A 120 13.99 12.36 -1.95
N THR A 121 14.94 12.15 -1.06
CA THR A 121 15.91 13.18 -0.61
C THR A 121 17.28 12.52 -0.63
N ASP A 122 18.29 13.25 -1.09
CA ASP A 122 19.73 12.87 -0.94
C ASP A 122 19.98 11.52 -1.59
N GLY A 123 19.34 11.27 -2.73
CA GLY A 123 19.56 10.11 -3.59
C GLY A 123 18.98 8.82 -3.05
N SER A 124 18.84 8.64 -1.72
CA SER A 124 18.53 7.31 -1.16
C SER A 124 17.42 7.35 -0.10
N LYS A 125 16.97 8.48 0.39
CA LYS A 125 15.99 8.55 1.49
C LYS A 125 14.58 8.69 0.92
N TYR A 126 13.85 7.58 0.81
CA TYR A 126 12.43 7.63 0.37
C TYR A 126 11.55 7.92 1.58
N ARG A 127 10.61 8.84 1.42
CA ARG A 127 9.72 9.25 2.55
C ARG A 127 8.31 9.50 2.03
N ALA A 128 7.31 9.22 2.84
CA ALA A 128 5.96 9.75 2.66
C ALA A 128 5.84 10.96 3.56
N LEU A 129 5.33 12.06 3.02
CA LEU A 129 5.21 13.33 3.76
C LEU A 129 3.88 13.30 4.50
N SER A 130 3.67 12.21 5.23
CA SER A 130 2.77 12.14 6.41
C SER A 130 3.32 13.00 7.54
N ASP A 131 2.56 13.13 8.62
CA ASP A 131 3.03 13.89 9.80
C ASP A 131 2.83 13.04 11.04
N PRO A 132 3.86 12.40 11.64
CA PRO A 132 5.25 12.53 11.21
C PRO A 132 5.56 11.82 9.87
N ARG A 133 6.67 12.17 9.23
CA ARG A 133 7.09 11.60 7.93
C ARG A 133 7.21 10.09 8.08
N THR A 134 6.84 9.33 7.06
CA THR A 134 7.01 7.86 7.04
C THR A 134 8.29 7.51 6.30
N LYS A 135 9.23 6.85 6.98
CA LYS A 135 10.44 6.27 6.35
C LYS A 135 9.97 5.12 5.47
N LEU A 136 10.31 5.15 4.19
CA LEU A 136 9.96 4.07 3.27
C LEU A 136 11.23 3.24 3.13
N THR A 137 11.06 1.95 2.90
CA THR A 137 12.11 1.00 2.51
C THR A 137 11.75 0.54 1.12
N VAL A 138 12.61 0.84 0.15
CA VAL A 138 12.33 0.59 -1.27
C VAL A 138 13.47 -0.27 -1.80
N ALA A 139 13.21 -1.50 -2.23
CA ALA A 139 14.27 -2.47 -2.59
C ALA A 139 14.82 -2.16 -3.97
N ASN A 140 13.95 -1.71 -4.88
CA ASN A 140 14.34 -1.31 -6.25
C ASN A 140 13.94 0.15 -6.44
N PRO A 141 14.91 1.08 -6.48
CA PRO A 141 14.59 2.50 -6.58
C PRO A 141 13.89 2.73 -7.90
N PRO A 142 12.74 3.41 -7.92
CA PRO A 142 12.00 3.61 -9.16
C PRO A 142 12.55 4.69 -10.09
N GLN A 143 12.46 4.43 -11.38
CA GLN A 143 12.72 5.42 -12.45
C GLN A 143 11.39 6.04 -12.87
N ARG A 144 10.29 5.33 -12.65
CA ARG A 144 8.94 5.79 -13.05
C ARG A 144 7.96 5.43 -11.95
N VAL A 145 7.18 6.43 -11.51
CA VAL A 145 6.24 6.26 -10.37
C VAL A 145 4.83 6.48 -10.88
N GLY A 146 3.91 5.57 -10.53
CA GLY A 146 2.49 5.76 -10.74
C GLY A 146 1.85 6.34 -9.49
N VAL A 147 1.05 7.37 -9.69
CA VAL A 147 0.26 8.08 -8.66
C VAL A 147 -1.19 7.67 -8.93
N PHE A 148 -1.84 7.11 -7.92
CA PHE A 148 -3.19 6.53 -8.01
C PHE A 148 -4.08 7.23 -7.00
N LEU A 149 -5.13 7.85 -7.52
CA LEU A 149 -6.14 8.56 -6.71
C LEU A 149 -7.50 7.86 -6.78
N ASP A 150 -8.14 7.62 -5.64
CA ASP A 150 -9.59 7.27 -5.56
C ASP A 150 -10.26 8.35 -4.71
N TYR A 151 -10.96 9.30 -5.32
CA TYR A 151 -11.47 10.49 -4.59
C TYR A 151 -12.46 10.02 -3.50
N GLU A 152 -13.42 9.18 -3.90
CA GLU A 152 -14.53 8.75 -3.01
C GLU A 152 -14.00 8.05 -1.77
N THR A 153 -12.94 7.23 -1.89
CA THR A 153 -12.49 6.47 -0.70
C THR A 153 -11.36 7.19 0.00
N GLY A 154 -10.97 8.39 -0.48
CA GLY A 154 -9.88 9.14 0.14
C GLY A 154 -8.54 8.41 0.04
N GLU A 155 -8.25 7.85 -1.12
CA GLU A 155 -7.06 6.99 -1.34
C GLU A 155 -6.04 7.64 -2.26
N VAL A 156 -4.82 7.80 -1.76
CA VAL A 156 -3.66 8.19 -2.59
C VAL A 156 -2.59 7.12 -2.44
N SER A 157 -2.24 6.44 -3.52
CA SER A 157 -1.19 5.39 -3.44
C SER A 157 -0.21 5.55 -4.59
N PHE A 158 0.96 4.94 -4.42
CA PHE A 158 2.12 5.11 -5.33
C PHE A 158 2.75 3.77 -5.60
N TYR A 159 3.15 3.56 -6.86
CA TYR A 159 3.73 2.30 -7.36
C TYR A 159 4.98 2.59 -8.19
N ASN A 160 5.85 1.60 -8.22
CA ASN A 160 6.93 1.50 -9.22
C ASN A 160 6.27 1.04 -10.52
N ALA A 161 6.13 1.96 -11.46
CA ALA A 161 5.39 1.77 -12.71
C ALA A 161 6.14 0.81 -13.62
N MET A 162 7.42 0.53 -13.40
CA MET A 162 8.17 -0.41 -14.30
C MET A 162 8.00 -1.85 -13.84
N ASP A 163 7.87 -2.13 -12.54
CA ASP A 163 7.84 -3.54 -12.03
C ASP A 163 6.55 -3.82 -11.24
N GLY A 164 5.65 -2.82 -11.10
CA GLY A 164 4.35 -3.00 -10.43
C GLY A 164 4.48 -3.04 -8.93
N SER A 165 5.68 -2.89 -8.37
CA SER A 165 5.83 -2.96 -6.91
C SER A 165 5.16 -1.75 -6.25
N HIS A 166 4.57 -1.97 -5.09
CA HIS A 166 3.89 -0.91 -4.32
C HIS A 166 4.94 -0.07 -3.59
N ILE A 167 4.74 1.23 -3.52
CA ILE A 167 5.65 2.11 -2.72
C ILE A 167 4.98 2.56 -1.42
N TYR A 168 3.79 3.15 -1.50
CA TYR A 168 3.15 3.75 -0.31
C TYR A 168 1.68 4.03 -0.60
N THR A 169 0.87 3.82 0.43
CA THR A 169 -0.53 4.25 0.46
C THR A 169 -0.71 5.09 1.70
N PHE A 170 -1.27 6.27 1.55
CA PHE A 170 -1.63 7.11 2.70
C PHE A 170 -2.82 6.49 3.42
N PRO A 171 -2.98 6.78 4.71
CA PRO A 171 -4.21 6.39 5.39
C PRO A 171 -5.35 6.96 4.55
N HIS A 172 -6.43 6.19 4.42
CA HIS A 172 -7.68 6.67 3.81
C HIS A 172 -8.12 7.92 4.57
N THR A 173 -8.61 8.90 3.83
CA THR A 173 -8.95 10.22 4.40
C THR A 173 -10.28 10.67 3.79
N PHE A 174 -10.68 11.89 4.08
CA PHE A 174 -11.81 12.60 3.45
C PHE A 174 -11.23 13.84 2.79
N PHE A 175 -11.37 13.91 1.47
CA PHE A 175 -10.88 15.08 0.72
C PHE A 175 -11.89 16.22 0.87
N SER A 176 -11.39 17.44 0.86
CA SER A 176 -12.27 18.62 0.79
C SER A 176 -12.02 19.38 -0.52
N GLY A 177 -13.01 19.40 -1.42
CA GLY A 177 -12.94 20.19 -2.67
C GLY A 177 -12.04 19.50 -3.70
N PRO A 178 -11.70 20.15 -4.82
CA PRO A 178 -10.90 19.53 -5.87
C PRO A 178 -9.45 19.23 -5.48
N LEU A 179 -8.92 18.15 -6.02
CA LEU A 179 -7.50 17.77 -5.89
C LEU A 179 -6.79 18.05 -7.20
N TRP A 180 -5.56 18.52 -7.06
CA TRP A 180 -4.66 18.80 -8.19
C TRP A 180 -3.45 17.89 -8.10
N PRO A 181 -2.95 17.35 -9.23
CA PRO A 181 -1.60 16.80 -9.26
C PRO A 181 -0.63 17.88 -8.78
N VAL A 182 0.33 17.49 -7.95
CA VAL A 182 1.34 18.46 -7.49
C VAL A 182 2.72 17.82 -7.65
N PHE A 183 3.71 18.67 -7.95
CA PHE A 183 5.09 18.24 -8.23
C PHE A 183 6.01 19.24 -7.55
N ARG A 184 7.08 18.72 -6.96
N ARG A 184 7.05 18.72 -6.91
CA ARG A 184 8.01 19.54 -6.14
CA ARG A 184 8.02 19.55 -6.15
C ARG A 184 9.44 19.07 -6.40
C ARG A 184 9.44 19.07 -6.43
N ILE A 185 10.34 19.98 -6.79
CA ILE A 185 11.79 19.66 -6.85
C ILE A 185 12.54 20.79 -6.13
N LEU A 186 13.51 20.43 -5.31
CA LEU A 186 14.25 21.38 -4.48
C LEU A 186 15.64 21.62 -5.05
N THR A 187 16.16 20.68 -5.80
CA THR A 187 17.58 20.66 -6.17
C THR A 187 17.78 21.13 -7.58
N LEU A 188 19.01 21.51 -7.86
CA LEU A 188 19.50 21.89 -9.20
C LEU A 188 20.38 20.75 -9.69
N GLU A 189 19.83 19.87 -10.53
CA GLU A 189 20.49 18.64 -10.95
C GLU A 189 20.06 18.32 -12.37
N PRO A 190 20.86 17.52 -13.11
CA PRO A 190 20.70 17.37 -14.57
C PRO A 190 19.43 16.70 -15.08
N THR A 191 18.82 15.81 -14.29
CA THR A 191 17.64 15.02 -14.73
C THR A 191 16.38 15.80 -14.37
N ALA A 192 15.52 16.02 -15.37
CA ALA A 192 14.22 16.68 -15.15
C ALA A 192 13.25 15.69 -14.51
N LEU A 193 12.16 16.22 -14.01
CA LEU A 193 10.93 15.46 -13.69
C LEU A 193 10.06 15.51 -14.94
N THR A 194 9.65 14.38 -15.49
CA THR A 194 8.83 14.33 -16.73
C THR A 194 7.56 13.49 -16.53
N ILE A 195 6.41 14.08 -16.81
CA ILE A 195 5.12 13.38 -16.82
C ILE A 195 5.05 12.49 -18.08
N CYS A 196 4.64 11.24 -17.92
CA CYS A 196 4.27 10.32 -19.02
C CYS A 196 2.88 10.67 -19.51
N PRO A 197 2.69 10.92 -20.81
CA PRO A 197 1.35 11.17 -21.31
C PRO A 197 0.45 9.92 -21.17
N ALA A 198 -0.86 10.10 -21.10
CA ALA A 198 -1.91 9.05 -21.06
C ALA A 198 -1.78 8.13 -22.30
N GLY B 8 -8.80 9.09 14.39
CA GLY B 8 -10.29 9.24 14.58
C GLY B 8 -10.98 9.46 13.24
N GLU B 9 -10.66 10.55 12.54
CA GLU B 9 -11.10 10.70 11.13
C GLU B 9 -10.51 9.56 10.30
N LYS B 10 -9.29 9.15 10.65
CA LYS B 10 -8.56 8.06 9.95
C LYS B 10 -9.32 6.74 10.13
N SER B 11 -9.73 6.43 11.38
CA SER B 11 -10.59 5.27 11.70
C SER B 11 -11.87 5.33 10.89
N GLN B 12 -12.51 6.50 10.82
CA GLN B 12 -13.81 6.64 10.12
C GLN B 12 -13.59 6.39 8.62
N ALA B 13 -12.59 7.02 8.03
CA ALA B 13 -12.26 6.87 6.60
C ALA B 13 -11.89 5.40 6.31
N TYR B 14 -11.16 4.72 7.20
CA TYR B 14 -10.84 3.27 7.04
C TYR B 14 -12.15 2.46 7.00
N ALA B 15 -13.04 2.68 7.97
CA ALA B 15 -14.38 2.03 8.02
C ALA B 15 -15.14 2.30 6.72
N GLU B 16 -15.20 3.54 6.25
CA GLU B 16 -16.06 3.85 5.09
C GLU B 16 -15.44 3.22 3.85
N TRP B 17 -14.12 3.18 3.75
CA TRP B 17 -13.45 2.58 2.57
C TRP B 17 -13.76 1.08 2.54
N LYS B 18 -13.56 0.38 3.65
CA LYS B 18 -13.73 -1.09 3.62
C LYS B 18 -15.23 -1.42 3.32
N LYS B 19 -16.16 -0.66 3.89
CA LYS B 19 -17.62 -0.81 3.61
C LYS B 19 -17.93 -0.53 2.13
N ALA B 20 -17.31 0.48 1.50
CA ALA B 20 -17.67 0.90 0.12
C ALA B 20 -17.25 -0.16 -0.91
N LEU B 21 -16.15 -0.86 -0.68
CA LEU B 21 -15.49 -1.67 -1.74
C LEU B 21 -15.31 -3.15 -1.36
N PHE B 22 -15.25 -3.51 -0.09
CA PHE B 22 -14.89 -4.91 0.27
C PHE B 22 -16.05 -5.60 0.99
N GLN B 23 -16.33 -6.82 0.56
CA GLN B 23 -17.31 -7.70 1.23
C GLN B 23 -16.68 -8.13 2.55
N PRO B 24 -17.38 -7.93 3.67
CA PRO B 24 -16.89 -8.32 4.97
C PRO B 24 -16.95 -9.85 5.06
N ALA B 25 -15.81 -10.51 5.17
CA ALA B 25 -15.75 -11.98 5.33
C ALA B 25 -15.89 -12.29 6.82
N ASP B 26 -16.70 -13.29 7.12
CA ASP B 26 -16.81 -13.87 8.47
C ASP B 26 -15.99 -15.16 8.43
N VAL B 27 -14.77 -15.08 8.93
CA VAL B 27 -13.77 -16.16 8.82
C VAL B 27 -13.71 -16.97 10.12
N ILE B 28 -13.76 -18.28 9.97
CA ILE B 28 -13.55 -19.24 11.08
C ILE B 28 -12.48 -20.23 10.61
N LEU B 29 -11.70 -20.67 11.56
CA LEU B 29 -10.58 -21.60 11.32
C LEU B 29 -11.14 -23.01 11.12
N ASP B 30 -10.60 -23.71 10.13
CA ASP B 30 -10.92 -25.12 9.85
C ASP B 30 -9.89 -25.95 10.59
N PRO B 31 -10.24 -26.49 11.77
CA PRO B 31 -9.32 -27.35 12.50
C PRO B 31 -8.86 -28.58 11.71
N ASN B 32 -9.61 -29.06 10.71
CA ASN B 32 -9.22 -30.20 9.86
C ASN B 32 -7.98 -29.85 9.00
N THR B 33 -7.73 -28.57 8.70
CA THR B 33 -6.57 -28.15 7.89
C THR B 33 -5.34 -27.85 8.75
N ALA B 34 -5.49 -27.73 10.06
CA ALA B 34 -4.47 -27.10 10.93
C ALA B 34 -3.34 -28.09 11.16
N ASN B 35 -2.13 -27.60 11.04
CA ASN B 35 -0.92 -28.38 11.43
C ASN B 35 -1.22 -28.96 12.80
N PRO B 36 -0.86 -30.24 13.07
CA PRO B 36 -1.11 -30.86 14.39
C PRO B 36 -0.53 -30.09 15.60
N ILE B 37 0.47 -29.22 15.40
CA ILE B 37 1.01 -28.42 16.53
C ILE B 37 0.11 -27.23 16.84
N LEU B 38 -0.94 -26.97 16.05
CA LEU B 38 -1.81 -25.79 16.26
C LEU B 38 -3.03 -26.19 17.11
N LEU B 39 -3.55 -25.25 17.88
CA LEU B 39 -4.80 -25.40 18.68
C LEU B 39 -5.83 -24.41 18.16
N VAL B 40 -6.94 -24.91 17.66
CA VAL B 40 -8.04 -24.04 17.18
C VAL B 40 -9.07 -23.98 18.31
N SER B 41 -9.44 -22.78 18.71
CA SER B 41 -10.44 -22.55 19.79
C SER B 41 -11.77 -23.24 19.42
N ASP B 42 -12.59 -23.49 20.43
CA ASP B 42 -13.92 -24.11 20.24
C ASP B 42 -14.75 -23.24 19.28
N ASP B 43 -14.69 -21.93 19.41
CA ASP B 43 -15.52 -21.04 18.54
C ASP B 43 -14.86 -20.82 17.16
N GLN B 44 -13.71 -21.41 16.92
CA GLN B 44 -12.99 -21.40 15.62
C GLN B 44 -12.56 -19.99 15.25
N ARG B 45 -12.40 -19.11 16.22
CA ARG B 45 -11.94 -17.72 15.96
C ARG B 45 -10.50 -17.56 16.36
N SER B 46 -9.98 -18.40 17.27
CA SER B 46 -8.68 -18.15 17.94
C SER B 46 -7.71 -19.30 17.68
N LEU B 47 -6.44 -18.94 17.63
CA LEU B 47 -5.35 -19.86 17.25
C LEU B 47 -4.22 -19.73 18.27
N GLN B 48 -3.77 -20.87 18.80
CA GLN B 48 -2.58 -20.95 19.66
C GLN B 48 -1.77 -22.13 19.19
N ARG B 49 -0.55 -22.21 19.69
CA ARG B 49 0.35 -23.33 19.38
C ARG B 49 0.41 -24.25 20.60
N ALA B 50 0.38 -25.54 20.36
CA ALA B 50 0.66 -26.54 21.40
C ALA B 50 2.18 -26.61 21.66
N ASP B 51 2.54 -27.18 22.81
CA ASP B 51 3.90 -27.62 23.18
C ASP B 51 4.50 -28.49 22.08
N GLU B 52 3.75 -29.48 21.61
CA GLU B 52 4.22 -30.38 20.54
C GLU B 52 3.04 -30.86 19.72
N ARG B 53 3.32 -31.49 18.59
CA ARG B 53 2.31 -32.03 17.68
C ARG B 53 1.34 -32.91 18.47
N GLN B 54 0.06 -32.73 18.23
CA GLN B 54 -1.04 -33.60 18.74
C GLN B 54 -1.13 -34.83 17.83
N ASN B 55 -1.71 -35.93 18.27
CA ASN B 55 -1.89 -37.10 17.35
C ASN B 55 -3.21 -36.78 16.65
N LEU B 56 -3.10 -36.31 15.41
CA LEU B 56 -4.28 -36.00 14.57
C LEU B 56 -4.06 -36.73 13.26
N PRO B 57 -5.12 -37.10 12.54
CA PRO B 57 -4.96 -37.83 11.30
C PRO B 57 -4.35 -36.93 10.21
N ASP B 58 -3.39 -37.49 9.48
CA ASP B 58 -2.73 -36.80 8.35
C ASP B 58 -3.66 -36.91 7.13
N ASN B 59 -4.87 -36.39 7.26
CA ASN B 59 -5.80 -36.33 6.12
C ASN B 59 -5.22 -35.39 5.08
N PRO B 60 -5.59 -35.54 3.80
CA PRO B 60 -4.95 -34.78 2.72
C PRO B 60 -5.03 -33.25 2.89
N GLU B 61 -6.12 -32.76 3.44
CA GLU B 61 -6.34 -31.28 3.57
C GLU B 61 -5.46 -30.71 4.70
N ARG B 62 -4.80 -31.52 5.53
CA ARG B 62 -4.11 -30.96 6.70
C ARG B 62 -2.69 -30.52 6.32
N PHE B 63 -2.30 -29.31 6.73
CA PHE B 63 -0.90 -28.86 6.65
C PHE B 63 -0.09 -29.77 7.57
N ASP B 64 0.89 -30.49 7.03
CA ASP B 64 1.72 -31.39 7.87
C ASP B 64 3.11 -30.78 8.13
N TRP B 65 3.57 -29.82 7.34
CA TRP B 65 4.93 -29.24 7.46
C TRP B 65 4.86 -27.80 8.02
N HIS B 66 4.30 -26.87 7.25
CA HIS B 66 4.10 -25.49 7.75
C HIS B 66 3.07 -25.48 8.87
N TYR B 67 3.28 -24.59 9.83
CA TYR B 67 2.39 -24.41 10.99
C TYR B 67 1.20 -23.56 10.56
N CYS B 68 0.47 -24.00 9.55
CA CYS B 68 -0.63 -23.22 8.95
C CYS B 68 -1.99 -23.87 9.24
N VAL B 69 -3.02 -23.03 9.12
CA VAL B 69 -4.44 -23.44 9.12
C VAL B 69 -5.19 -22.52 8.16
N LEU B 70 -6.24 -23.05 7.55
CA LEU B 70 -7.10 -22.29 6.63
C LEU B 70 -8.39 -21.88 7.32
N GLY B 71 -9.06 -20.90 6.74
CA GLY B 71 -10.47 -20.65 7.04
C GLY B 71 -11.36 -21.75 6.47
N CYS B 72 -12.67 -21.58 6.66
CA CYS B 72 -13.69 -22.58 6.27
C CYS B 72 -14.34 -22.20 4.93
N LYS B 73 -13.99 -21.05 4.37
CA LYS B 73 -14.49 -20.60 3.05
C LYS B 73 -13.34 -19.99 2.27
N SER B 74 -13.36 -20.24 0.99
CA SER B 74 -12.43 -19.70 -0.02
C SER B 74 -13.12 -18.60 -0.84
N PHE B 75 -12.32 -17.86 -1.60
CA PHE B 75 -12.80 -16.82 -2.52
C PHE B 75 -12.33 -17.18 -3.93
N THR B 76 -13.26 -17.19 -4.90
CA THR B 76 -12.91 -17.35 -6.34
C THR B 76 -13.23 -16.09 -7.11
N SER B 77 -13.90 -15.12 -6.48
CA SER B 77 -14.23 -13.79 -7.07
C SER B 77 -14.39 -12.77 -5.95
N GLY B 78 -14.40 -11.50 -6.32
CA GLY B 78 -14.83 -10.41 -5.44
C GLY B 78 -13.72 -9.88 -4.58
N ARG B 79 -14.05 -8.78 -3.92
CA ARG B 79 -13.24 -8.12 -2.88
C ARG B 79 -13.75 -8.54 -1.51
N HIS B 80 -12.83 -8.92 -0.62
CA HIS B 80 -13.16 -9.41 0.73
C HIS B 80 -12.18 -8.83 1.73
N TYR B 81 -12.63 -8.56 2.96
CA TYR B 81 -11.69 -8.22 4.04
C TYR B 81 -12.09 -8.97 5.30
N TRP B 82 -11.12 -9.17 6.15
CA TRP B 82 -11.35 -9.64 7.53
C TRP B 82 -10.25 -9.04 8.38
N GLU B 83 -10.48 -8.96 9.68
CA GLU B 83 -9.50 -8.36 10.58
C GLU B 83 -9.12 -9.38 11.65
N VAL B 84 -7.87 -9.35 12.05
CA VAL B 84 -7.31 -10.35 12.99
C VAL B 84 -6.69 -9.58 14.15
N GLU B 85 -7.11 -9.88 15.37
CA GLU B 85 -6.45 -9.32 16.58
C GLU B 85 -5.15 -10.10 16.81
N VAL B 86 -4.03 -9.50 16.45
CA VAL B 86 -2.67 -10.04 16.70
C VAL B 86 -2.22 -9.62 18.10
N GLY B 87 -2.82 -8.59 18.68
CA GLY B 87 -2.41 -8.05 19.99
C GLY B 87 -0.89 -7.92 20.07
N ASP B 88 -0.29 -8.35 21.19
CA ASP B 88 1.17 -8.19 21.40
C ASP B 88 1.92 -9.49 21.06
N ARG B 89 1.28 -10.44 20.38
N ARG B 89 1.28 -10.44 20.38
CA ARG B 89 1.96 -11.69 19.95
CA ARG B 89 1.95 -11.70 19.95
C ARG B 89 3.22 -11.34 19.17
C ARG B 89 3.22 -11.34 19.17
N LYS B 90 4.36 -11.94 19.56
CA LYS B 90 5.70 -11.57 19.04
C LYS B 90 5.98 -12.22 17.68
N GLU B 91 5.12 -13.17 17.27
CA GLU B 91 5.30 -13.91 15.99
C GLU B 91 3.92 -14.31 15.45
N TRP B 92 3.69 -14.06 14.15
CA TRP B 92 2.47 -14.43 13.39
C TRP B 92 2.68 -14.04 11.93
N HIS B 93 2.03 -14.77 11.04
CA HIS B 93 1.96 -14.44 9.60
C HIS B 93 0.58 -14.83 9.13
N ILE B 94 -0.06 -13.95 8.37
CA ILE B 94 -1.48 -14.12 7.95
C ILE B 94 -1.55 -13.62 6.52
N GLY B 95 -2.58 -14.07 5.82
CA GLY B 95 -2.85 -13.64 4.46
C GLY B 95 -3.80 -14.60 3.78
N VAL B 96 -3.48 -14.94 2.54
CA VAL B 96 -4.29 -15.88 1.74
C VAL B 96 -3.33 -16.84 1.05
N CYS B 97 -3.82 -18.02 0.72
CA CYS B 97 -3.08 -18.99 -0.12
C CYS B 97 -4.02 -19.71 -1.06
N GLN B 98 -3.46 -20.21 -2.14
CA GLN B 98 -4.18 -21.00 -3.15
C GLN B 98 -4.63 -22.33 -2.55
N GLU B 99 -5.75 -22.83 -3.04
CA GLU B 99 -6.26 -24.18 -2.67
C GLU B 99 -5.15 -25.22 -2.97
N ASN B 100 -4.35 -24.99 -4.00
CA ASN B 100 -3.44 -26.02 -4.57
C ASN B 100 -2.04 -25.94 -3.95
N VAL B 101 -1.81 -25.15 -2.89
CA VAL B 101 -0.48 -25.06 -2.24
C VAL B 101 -0.03 -26.46 -1.80
N GLU B 102 1.28 -26.68 -1.77
CA GLU B 102 1.90 -27.89 -1.15
C GLU B 102 1.58 -27.87 0.35
N ARG B 103 0.90 -28.86 0.87
CA ARG B 103 0.55 -28.87 2.33
C ARG B 103 1.43 -29.84 3.12
N LYS B 104 2.15 -30.73 2.45
CA LYS B 104 2.77 -31.90 3.13
C LYS B 104 4.28 -31.71 3.27
N CYS B 105 4.94 -31.06 2.30
CA CYS B 105 6.43 -30.91 2.22
C CYS B 105 6.78 -29.45 2.48
N TRP B 106 8.03 -29.14 2.89
CA TRP B 106 8.48 -27.73 3.00
C TRP B 106 8.41 -27.15 1.58
N VAL B 107 7.79 -26.01 1.45
CA VAL B 107 7.97 -25.08 0.30
C VAL B 107 8.12 -23.72 0.96
N LYS B 108 8.84 -22.82 0.32
CA LYS B 108 8.94 -21.44 0.79
C LYS B 108 7.55 -20.81 0.62
N MET B 109 7.01 -20.17 1.65
CA MET B 109 5.72 -19.44 1.55
C MET B 109 5.96 -18.13 0.81
N THR B 110 5.67 -18.17 -0.49
CA THR B 110 5.93 -17.08 -1.45
C THR B 110 4.77 -17.03 -2.41
N PRO B 111 4.49 -15.87 -3.04
CA PRO B 111 3.47 -15.81 -4.06
C PRO B 111 3.69 -16.86 -5.17
N GLU B 112 4.94 -17.08 -5.55
CA GLU B 112 5.29 -18.09 -6.58
C GLU B 112 4.76 -19.45 -6.13
N ASN B 113 4.81 -19.75 -4.84
CA ASN B 113 4.31 -21.04 -4.30
C ASN B 113 2.85 -20.92 -3.84
N GLY B 114 2.18 -19.81 -4.12
CA GLY B 114 0.73 -19.67 -3.88
C GLY B 114 0.39 -19.13 -2.49
N PHE B 115 1.28 -18.37 -1.87
CA PHE B 115 1.04 -17.76 -0.54
C PHE B 115 1.32 -16.26 -0.58
N TRP B 116 0.35 -15.48 -0.10
CA TRP B 116 0.46 -14.00 0.07
C TRP B 116 0.25 -13.67 1.55
N THR B 117 1.33 -13.48 2.29
CA THR B 117 1.29 -13.37 3.76
C THR B 117 2.33 -12.34 4.20
N VAL B 118 2.05 -11.69 5.33
CA VAL B 118 2.96 -10.72 5.97
C VAL B 118 2.88 -11.01 7.46
N GLY B 119 3.83 -10.51 8.21
CA GLY B 119 3.71 -10.70 9.65
C GLY B 119 4.95 -10.33 10.39
N LEU B 120 5.07 -10.89 11.58
CA LEU B 120 6.04 -10.41 12.58
C LEU B 120 6.88 -11.58 13.08
N THR B 121 8.16 -11.33 13.25
CA THR B 121 9.09 -12.32 13.86
C THR B 121 9.89 -11.63 14.97
N ASP B 122 10.07 -12.33 16.09
CA ASP B 122 11.00 -11.91 17.17
C ASP B 122 10.55 -10.55 17.70
N GLY B 123 9.24 -10.34 17.82
CA GLY B 123 8.67 -9.14 18.45
C GLY B 123 8.71 -7.89 17.58
N SER B 124 9.74 -7.68 16.75
CA SER B 124 10.02 -6.36 16.14
C SER B 124 10.29 -6.44 14.64
N LYS B 125 10.47 -7.62 14.03
CA LYS B 125 10.84 -7.74 12.59
C LYS B 125 9.59 -8.02 11.73
N TYR B 126 8.98 -6.99 11.17
CA TYR B 126 7.86 -7.13 10.22
C TYR B 126 8.42 -7.49 8.85
N ARG B 127 7.79 -8.45 8.17
CA ARG B 127 8.20 -8.85 6.81
C ARG B 127 6.97 -9.11 5.94
N ALA B 128 7.09 -8.86 4.64
CA ALA B 128 6.20 -9.50 3.65
C ALA B 128 6.90 -10.76 3.17
N LEU B 129 6.14 -11.85 3.03
CA LEU B 129 6.74 -13.16 2.66
C LEU B 129 6.73 -13.22 1.12
N SER B 130 7.32 -12.18 0.53
CA SER B 130 7.80 -12.13 -0.87
C SER B 130 9.09 -12.98 -0.97
N ASP B 131 9.58 -13.10 -2.20
CA ASP B 131 10.79 -13.86 -2.54
C ASP B 131 11.70 -12.95 -3.37
N PRO B 132 12.78 -12.40 -2.77
CA PRO B 132 13.10 -12.64 -1.37
C PRO B 132 12.14 -11.90 -0.41
N ARG B 133 12.22 -12.17 0.87
CA ARG B 133 11.37 -11.49 1.89
C ARG B 133 11.64 -9.99 1.90
N THR B 134 10.58 -9.19 2.05
CA THR B 134 10.64 -7.72 2.09
C THR B 134 10.65 -7.30 3.56
N LYS B 135 11.76 -6.71 4.02
CA LYS B 135 11.81 -6.14 5.38
C LYS B 135 10.86 -4.96 5.35
N LEU B 136 9.89 -4.89 6.26
CA LEU B 136 9.01 -3.71 6.37
C LEU B 136 9.51 -2.77 7.47
N THR B 137 9.16 -1.50 7.36
CA THR B 137 9.36 -0.49 8.42
C THR B 137 7.98 -0.05 8.88
N VAL B 138 7.62 -0.39 10.11
CA VAL B 138 6.27 -0.13 10.67
C VAL B 138 6.42 0.78 11.89
N ALA B 139 6.05 2.05 11.76
CA ALA B 139 6.22 3.06 12.82
C ALA B 139 5.29 2.74 13.97
N ASN B 140 4.10 2.21 13.70
CA ASN B 140 3.12 1.87 14.75
C ASN B 140 2.76 0.40 14.65
N PRO B 141 3.42 -0.46 15.44
CA PRO B 141 3.13 -1.89 15.50
C PRO B 141 1.64 -2.18 15.64
N PRO B 142 1.00 -2.94 14.74
CA PRO B 142 -0.44 -3.12 14.84
C PRO B 142 -0.83 -4.11 15.95
N GLN B 143 -2.00 -3.88 16.51
CA GLN B 143 -2.69 -4.82 17.41
C GLN B 143 -3.80 -5.53 16.65
N ARG B 144 -4.31 -4.90 15.61
CA ARG B 144 -5.34 -5.51 14.78
C ARG B 144 -4.99 -5.25 13.32
N VAL B 145 -5.05 -6.29 12.51
CA VAL B 145 -4.57 -6.22 11.11
C VAL B 145 -5.75 -6.54 10.22
N GLY B 146 -6.00 -5.67 9.28
CA GLY B 146 -6.99 -5.92 8.23
C GLY B 146 -6.33 -6.54 7.01
N VAL B 147 -6.93 -7.64 6.53
CA VAL B 147 -6.50 -8.36 5.30
C VAL B 147 -7.52 -8.09 4.20
N PHE B 148 -7.05 -7.52 3.09
CA PHE B 148 -7.84 -7.08 1.94
C PHE B 148 -7.42 -7.85 0.69
N LEU B 149 -8.41 -8.50 0.11
CA LEU B 149 -8.27 -9.27 -1.14
C LEU B 149 -9.17 -8.66 -2.21
N ASP B 150 -8.60 -8.43 -3.37
CA ASP B 150 -9.40 -8.19 -4.60
C ASP B 150 -9.01 -9.26 -5.62
N TYR B 151 -9.85 -10.28 -5.76
CA TYR B 151 -9.56 -11.46 -6.62
C TYR B 151 -9.28 -10.98 -8.03
N GLU B 152 -10.16 -10.12 -8.56
CA GLU B 152 -10.15 -9.79 -10.01
C GLU B 152 -8.89 -9.02 -10.35
N THR B 153 -8.33 -8.22 -9.43
CA THR B 153 -7.15 -7.40 -9.77
C THR B 153 -5.86 -8.02 -9.22
N GLY B 154 -5.98 -9.20 -8.59
CA GLY B 154 -4.81 -9.91 -8.06
C GLY B 154 -4.18 -9.12 -6.94
N GLU B 155 -5.00 -8.53 -6.09
CA GLU B 155 -4.50 -7.58 -5.06
C GLU B 155 -4.64 -8.17 -3.66
N VAL B 156 -3.55 -8.20 -2.91
CA VAL B 156 -3.58 -8.55 -1.47
C VAL B 156 -2.87 -7.42 -0.73
N SER B 157 -3.57 -6.82 0.22
CA SER B 157 -3.03 -5.69 1.03
C SER B 157 -3.44 -5.85 2.49
N PHE B 158 -2.71 -5.14 3.34
CA PHE B 158 -2.71 -5.30 4.81
C PHE B 158 -2.69 -3.92 5.42
N TYR B 159 -3.56 -3.67 6.41
CA TYR B 159 -3.69 -2.39 7.11
C TYR B 159 -3.71 -2.62 8.60
N ASN B 160 -3.28 -1.59 9.33
CA ASN B 160 -3.53 -1.44 10.78
C ASN B 160 -5.01 -1.11 10.90
N ALA B 161 -5.81 -2.03 11.41
CA ALA B 161 -7.28 -1.86 11.43
C ALA B 161 -7.72 -0.86 12.50
N MET B 162 -6.83 -0.42 13.40
CA MET B 162 -7.19 0.56 14.49
C MET B 162 -6.96 2.02 14.02
N ASP B 163 -5.93 2.31 13.23
CA ASP B 163 -5.60 3.70 12.82
C ASP B 163 -5.67 3.84 11.29
N GLY B 164 -5.93 2.77 10.53
CA GLY B 164 -6.12 2.85 9.07
C GLY B 164 -4.82 2.94 8.28
N SER B 165 -3.68 2.87 8.97
CA SER B 165 -2.35 3.01 8.34
C SER B 165 -2.08 1.74 7.52
N HIS B 166 -1.53 1.94 6.32
CA HIS B 166 -1.18 0.86 5.39
C HIS B 166 0.05 0.13 5.92
N ILE B 167 0.09 -1.19 5.74
CA ILE B 167 1.27 -2.02 6.08
C ILE B 167 1.96 -2.48 4.79
N TYR B 168 1.26 -3.18 3.93
CA TYR B 168 1.90 -3.82 2.77
C TYR B 168 0.85 -4.13 1.70
N THR B 169 1.25 -3.96 0.44
CA THR B 169 0.49 -4.39 -0.75
C THR B 169 1.45 -5.24 -1.59
N PHE B 170 1.09 -6.49 -1.89
CA PHE B 170 1.91 -7.30 -2.83
C PHE B 170 1.80 -6.70 -4.21
N PRO B 171 2.76 -6.93 -5.12
CA PRO B 171 2.52 -6.60 -6.53
C PRO B 171 1.22 -7.25 -6.98
N HIS B 172 0.40 -6.54 -7.78
CA HIS B 172 -0.79 -7.15 -8.43
C HIS B 172 -0.31 -8.40 -9.18
N THR B 173 -1.13 -9.46 -9.16
CA THR B 173 -0.78 -10.78 -9.75
C THR B 173 -2.02 -11.32 -10.48
N PHE B 174 -1.97 -12.57 -10.90
CA PHE B 174 -3.11 -13.29 -11.48
C PHE B 174 -3.30 -14.54 -10.63
N PHE B 175 -4.49 -14.68 -10.05
CA PHE B 175 -4.76 -15.77 -9.10
C PHE B 175 -5.18 -17.02 -9.87
N SER B 176 -4.81 -18.17 -9.34
CA SER B 176 -5.17 -19.50 -9.91
C SER B 176 -6.05 -20.23 -8.90
N GLY B 177 -7.34 -20.34 -9.21
CA GLY B 177 -8.27 -21.11 -8.40
C GLY B 177 -8.63 -20.35 -7.13
N PRO B 178 -9.26 -21.05 -6.16
CA PRO B 178 -9.71 -20.46 -4.92
C PRO B 178 -8.55 -20.01 -4.04
N LEU B 179 -8.81 -18.95 -3.29
CA LEU B 179 -7.93 -18.41 -2.23
C LEU B 179 -8.61 -18.62 -0.87
N TRP B 180 -7.81 -19.08 0.07
CA TRP B 180 -8.21 -19.37 1.47
C TRP B 180 -7.53 -18.39 2.38
N PRO B 181 -8.24 -17.83 3.40
CA PRO B 181 -7.56 -17.20 4.51
C PRO B 181 -6.56 -18.22 5.07
N VAL B 182 -5.31 -17.80 5.33
CA VAL B 182 -4.31 -18.70 5.96
C VAL B 182 -3.67 -17.95 7.14
N PHE B 183 -3.34 -18.72 8.16
CA PHE B 183 -2.71 -18.22 9.39
C PHE B 183 -1.55 -19.14 9.75
N ARG B 184 -0.45 -18.56 10.23
CA ARG B 184 0.73 -19.33 10.63
C ARG B 184 1.27 -18.72 11.92
N ILE B 185 1.49 -19.57 12.92
CA ILE B 185 2.26 -19.20 14.13
C ILE B 185 3.30 -20.27 14.42
N LEU B 186 4.51 -19.83 14.77
CA LEU B 186 5.65 -20.74 14.96
C LEU B 186 5.97 -20.92 16.44
N THR B 187 5.59 -19.97 17.29
CA THR B 187 6.12 -19.89 18.68
C THR B 187 5.01 -20.21 19.66
N LEU B 188 5.41 -20.68 20.84
CA LEU B 188 4.51 -20.80 22.02
C LEU B 188 4.49 -19.44 22.66
N GLU B 189 3.34 -18.82 22.83
CA GLU B 189 3.33 -17.63 23.69
C GLU B 189 1.92 -17.31 24.15
N PRO B 190 1.81 -16.38 25.12
CA PRO B 190 0.58 -16.18 25.86
C PRO B 190 -0.59 -15.69 24.98
N THR B 191 -0.34 -14.85 23.98
CA THR B 191 -1.41 -14.15 23.23
C THR B 191 -1.78 -14.97 21.99
N ALA B 192 -3.05 -15.38 21.91
CA ALA B 192 -3.62 -16.07 20.73
C ALA B 192 -3.76 -15.06 19.60
N LEU B 193 -3.83 -15.53 18.36
CA LEU B 193 -4.47 -14.78 17.24
C LEU B 193 -5.98 -14.95 17.38
N THR B 194 -6.76 -13.89 17.23
CA THR B 194 -8.22 -13.96 17.25
C THR B 194 -8.78 -13.23 16.05
N ILE B 195 -9.54 -13.95 15.23
CA ILE B 195 -10.31 -13.36 14.12
C ILE B 195 -11.43 -12.51 14.71
N CYS B 196 -11.55 -11.26 14.28
CA CYS B 196 -12.76 -10.43 14.51
C CYS B 196 -13.91 -10.91 13.64
N PRO B 197 -15.10 -11.18 14.22
CA PRO B 197 -16.27 -11.48 13.42
C PRO B 197 -16.68 -10.30 12.52
N ALA B 198 -17.39 -10.60 11.43
CA ALA B 198 -17.80 -9.61 10.40
C ALA B 198 -18.66 -8.49 11.04
S SO4 C . 8.74 14.71 10.88
O1 SO4 C . 9.88 14.97 10.04
O2 SO4 C . 9.01 15.14 12.23
O3 SO4 C . 7.59 15.41 10.37
O4 SO4 C . 8.47 13.30 10.88
S SO4 D . 15.60 11.53 7.52
O1 SO4 D . 16.23 10.23 7.67
O2 SO4 D . 16.64 12.52 7.36
O3 SO4 D . 14.77 11.54 6.36
O4 SO4 D . 14.81 11.83 8.69
S SO4 E . 16.56 5.51 5.20
O1 SO4 E . 17.22 5.41 3.92
O2 SO4 E . 17.02 6.67 5.92
O3 SO4 E . 15.14 5.59 5.01
O4 SO4 E . 16.85 4.34 5.97
C1 EDO F . 17.14 6.65 -8.63
O1 EDO F . 16.89 5.61 -9.56
C2 EDO F . 18.56 6.89 -8.33
O2 EDO F . 18.81 7.95 -7.41
O1 99C G . 5.74 -23.11 9.27
C1 99C G . 6.73 -23.97 9.81
C2 99C G . 8.03 -23.19 9.98
C3 99C G . 8.26 -22.16 8.87
C4 99C G . 9.25 -24.03 10.37
C5 99C G . 9.57 -23.55 11.78
C6 99C G . 10.59 -22.63 12.06
C7 99C G . 10.75 -22.24 13.37
C8 99C G . 9.88 -22.68 14.39
C9 99C G . 8.85 -23.55 14.11
C10 99C G . 8.70 -23.96 12.78
C11 99C G . 10.07 -22.23 15.83
C12 99C G . 9.60 -21.37 8.76
O2 99C G . 9.73 -21.32 7.34
P1 99C G . 11.02 -20.55 6.69
O3 99C G . 10.89 -19.02 7.20
O4 99C G . 10.86 -20.75 5.23
O5 99C G . 12.21 -21.08 7.41
P2 99C G . 9.87 -17.83 6.76
O6 99C G . 9.39 -17.28 8.09
O7 99C G . 8.74 -18.40 5.95
O8 99C G . 10.69 -16.84 5.97
S SO4 H . 14.87 -14.55 2.06
O1 SO4 H . 16.17 -14.78 1.48
O2 SO4 H . 14.92 -13.44 2.97
O3 SO4 H . 13.94 -14.25 1.00
O4 SO4 H . 14.45 -15.73 2.76
S SO4 I . -0.50 -22.27 -9.90
O1 SO4 I . 0.22 -22.12 -11.14
O2 SO4 I . 0.27 -23.12 -9.03
O3 SO4 I . -0.67 -20.98 -9.29
O4 SO4 I . -1.78 -22.84 -10.16
C1 EDO J . -18.66 -14.56 4.94
O1 EDO J . -20.01 -14.70 5.31
C2 EDO J . -18.55 -14.65 3.48
O2 EDO J . -17.22 -14.69 3.02
#